data_4P6P
#
_entry.id   4P6P
#
_cell.length_a   52.079
_cell.length_b   76.805
_cell.length_c   97.634
_cell.angle_alpha   90.00
_cell.angle_beta   90.00
_cell.angle_gamma   90.00
#
_symmetry.space_group_name_H-M   'P 21 21 21'
#
loop_
_entity.id
_entity.type
_entity.pdbx_description
1 polymer '3,4-dihydroxy-2-butanone 4-phosphate synthase'
2 non-polymer '4-PHOSPHO-D-ERYTHRONOHYDROXAMIC ACID'
3 non-polymer 'ZINC ION'
4 water water
#
_entity_poly.entity_id   1
_entity_poly.type   'polypeptide(L)'
_entity_poly.pdbx_seq_one_letter_code
;MGSHHHHHHSSGLVPRGSHMNQSSLLAEFGDPITRVENALQALREGRGVLLLDDEDRENEGDIIYAVESLTTAQMALMIR
ECSGIVCLCLTEAQADRLALPPMVVNNNSANQTAFTVSIEAKHGVTTGVSAQDRVTTIKTAANPQAKPEDLARPGHVFPL
RARAGGVLARRGHTEGTVDLMQMAGLQPAGVLCELTNPDGSMAKTPEIIEFGKLHNMPVLTIEDMVQYRIQFDLKLA
;
_entity_poly.pdbx_strand_id   A,B
#
# COMPACT_ATOMS: atom_id res chain seq x y z
N ASN A 21 16.63 25.35 -7.61
CA ASN A 21 17.31 24.67 -8.70
C ASN A 21 17.79 23.29 -8.27
N GLN A 22 17.28 22.25 -8.92
CA GLN A 22 17.56 20.88 -8.51
C GLN A 22 19.04 20.50 -8.64
N SER A 23 19.67 20.83 -9.77
CA SER A 23 21.06 20.46 -9.96
C SER A 23 21.96 21.14 -8.94
N SER A 24 21.55 22.32 -8.47
CA SER A 24 22.35 23.05 -7.49
C SER A 24 22.18 22.43 -6.11
N LEU A 25 20.97 21.99 -5.80
CA LEU A 25 20.72 21.31 -4.53
C LEU A 25 21.46 19.97 -4.50
N LEU A 26 21.43 19.25 -5.61
CA LEU A 26 22.04 17.92 -5.65
C LEU A 26 23.56 17.97 -5.66
N ALA A 27 24.13 19.14 -5.93
CA ALA A 27 25.58 19.29 -6.07
C ALA A 27 26.37 18.74 -4.89
N GLU A 28 25.79 18.80 -3.68
CA GLU A 28 26.50 18.29 -2.51
C GLU A 28 26.67 16.76 -2.51
N PHE A 29 25.90 16.06 -3.35
CA PHE A 29 26.07 14.62 -3.47
C PHE A 29 27.10 14.29 -4.53
N GLY A 30 27.73 15.32 -5.08
CA GLY A 30 28.73 15.16 -6.11
C GLY A 30 28.16 15.49 -7.47
N ASP A 31 28.99 15.47 -8.51
CA ASP A 31 28.53 15.69 -9.88
C ASP A 31 27.75 14.45 -10.34
N PRO A 32 27.02 14.56 -11.47
CA PRO A 32 26.16 13.45 -11.92
C PRO A 32 26.82 12.08 -12.02
N ILE A 33 28.05 12.01 -12.52
CA ILE A 33 28.72 10.72 -12.62
C ILE A 33 28.98 10.18 -11.22
N THR A 34 29.44 11.06 -10.33
CA THR A 34 29.69 10.68 -8.94
C THR A 34 28.40 10.22 -8.28
N ARG A 35 27.30 10.92 -8.55
CA ARG A 35 26.01 10.54 -7.95
C ARG A 35 25.60 9.12 -8.34
N VAL A 36 25.81 8.76 -9.60
CA VAL A 36 25.49 7.41 -10.04
C VAL A 36 26.43 6.41 -9.38
N GLU A 37 27.74 6.71 -9.40
CA GLU A 37 28.72 5.77 -8.89
C GLU A 37 28.55 5.54 -7.37
N ASN A 38 28.27 6.59 -6.61
CA ASN A 38 27.96 6.43 -5.20
C ASN A 38 26.69 5.60 -4.94
N ALA A 39 25.70 5.73 -5.81
CA ALA A 39 24.48 4.93 -5.69
C ALA A 39 24.77 3.45 -5.96
N LEU A 40 25.57 3.17 -6.98
CA LEU A 40 25.90 1.78 -7.29
C LEU A 40 26.65 1.16 -6.13
N GLN A 41 27.60 1.89 -5.55
CA GLN A 41 28.39 1.33 -4.47
C GLN A 41 27.55 1.12 -3.20
N ALA A 42 26.65 2.04 -2.90
CA ALA A 42 25.69 1.84 -1.81
C ALA A 42 24.93 0.53 -1.97
N LEU A 43 24.40 0.30 -3.17
CA LEU A 43 23.63 -0.91 -3.43
C LEU A 43 24.50 -2.17 -3.29
N ARG A 44 25.75 -2.11 -3.76
CA ARG A 44 26.66 -3.25 -3.58
C ARG A 44 26.89 -3.54 -2.12
N GLU A 45 26.87 -2.48 -1.30
CA GLU A 45 27.08 -2.63 0.15
C GLU A 45 25.80 -2.99 0.89
N GLY A 46 24.70 -3.13 0.16
CA GLY A 46 23.43 -3.54 0.76
C GLY A 46 22.62 -2.39 1.33
N ARG A 47 23.03 -1.15 1.01
CA ARG A 47 22.34 0.04 1.49
C ARG A 47 21.30 0.52 0.47
N GLY A 48 20.34 1.31 0.93
CA GLY A 48 19.36 1.89 0.01
C GLY A 48 19.85 3.15 -0.67
N VAL A 49 19.13 3.58 -1.69
CA VAL A 49 19.39 4.85 -2.37
C VAL A 49 18.06 5.56 -2.64
N LEU A 50 18.12 6.83 -2.99
CA LEU A 50 16.93 7.63 -3.28
C LEU A 50 16.95 8.12 -4.71
N LEU A 51 15.91 7.79 -5.46
CA LEU A 51 15.89 8.10 -6.88
C LEU A 51 14.80 9.08 -7.23
N LEU A 52 15.20 10.24 -7.73
CA LEU A 52 14.26 11.27 -8.17
C LEU A 52 13.98 11.11 -9.65
N ASP A 53 12.72 11.22 -10.06
CA ASP A 53 12.47 11.22 -11.51
C ASP A 53 12.40 12.67 -12.00
N ASP A 54 12.07 12.85 -13.27
CA ASP A 54 12.03 14.19 -13.87
C ASP A 54 11.07 15.13 -13.13
N GLU A 55 11.48 16.39 -12.99
CA GLU A 55 10.63 17.38 -12.33
C GLU A 55 9.29 17.53 -13.06
N ASP A 56 9.27 17.30 -14.36
CA ASP A 56 8.04 17.45 -15.12
C ASP A 56 7.29 16.12 -15.32
N ARG A 57 7.78 15.05 -14.70
CA ARG A 57 7.05 13.79 -14.66
C ARG A 57 6.32 13.68 -13.31
N GLU A 58 6.80 12.83 -12.42
CA GLU A 58 6.18 12.73 -11.11
C GLU A 58 6.79 13.72 -10.13
N ASN A 59 8.06 14.03 -10.36
CA ASN A 59 8.84 14.86 -9.45
C ASN A 59 8.79 14.25 -8.06
N GLU A 60 9.04 12.93 -8.01
CA GLU A 60 8.98 12.17 -6.76
C GLU A 60 10.28 11.44 -6.52
N GLY A 61 10.61 11.22 -5.26
CA GLY A 61 11.79 10.44 -4.92
C GLY A 61 11.36 9.15 -4.26
N ASP A 62 11.89 8.04 -4.77
CA ASP A 62 11.56 6.73 -4.23
C ASP A 62 12.76 6.13 -3.50
N ILE A 63 12.51 5.51 -2.35
CA ILE A 63 13.55 4.67 -1.75
C ILE A 63 13.69 3.41 -2.60
N ILE A 64 14.92 3.03 -2.90
CA ILE A 64 15.20 1.79 -3.64
C ILE A 64 16.11 0.89 -2.82
N TYR A 65 15.74 -0.38 -2.65
CA TYR A 65 16.63 -1.39 -2.07
C TYR A 65 16.86 -2.55 -3.03
N ALA A 66 18.07 -3.11 -3.01
CA ALA A 66 18.32 -4.37 -3.70
C ALA A 66 17.61 -5.51 -2.98
N VAL A 67 16.91 -6.36 -3.73
CA VAL A 67 16.23 -7.51 -3.12
C VAL A 67 17.25 -8.47 -2.51
N GLU A 68 18.40 -8.57 -3.18
CA GLU A 68 19.48 -9.48 -2.80
C GLU A 68 19.89 -9.32 -1.33
N SER A 69 19.88 -8.08 -0.83
CA SER A 69 20.31 -7.79 0.53
C SER A 69 19.20 -7.23 1.42
N LEU A 70 17.94 -7.40 1.00
CA LEU A 70 16.80 -6.78 1.68
C LEU A 70 16.60 -7.31 3.09
N THR A 71 16.45 -6.41 4.06
CA THR A 71 16.20 -6.79 5.45
C THR A 71 14.83 -6.33 5.94
N THR A 72 14.37 -6.94 7.03
CA THR A 72 13.12 -6.51 7.66
C THR A 72 13.17 -5.05 8.09
N ALA A 73 14.33 -4.62 8.59
CA ALA A 73 14.46 -3.22 9.03
C ALA A 73 14.33 -2.25 7.86
N GLN A 74 14.88 -2.62 6.71
CA GLN A 74 14.79 -1.77 5.53
C GLN A 74 13.33 -1.67 5.07
N MET A 75 12.65 -2.81 5.08
CA MET A 75 11.24 -2.82 4.71
C MET A 75 10.41 -1.98 5.70
N ALA A 76 10.73 -2.09 6.98
CA ALA A 76 10.01 -1.34 8.00
C ALA A 76 10.14 0.16 7.78
N LEU A 77 11.34 0.60 7.39
CA LEU A 77 11.59 2.02 7.16
C LEU A 77 10.78 2.49 5.97
N MET A 78 10.72 1.65 4.96
CA MET A 78 9.94 1.95 3.77
C MET A 78 8.46 2.13 4.09
N ILE A 79 7.91 1.19 4.84
CA ILE A 79 6.51 1.24 5.22
C ILE A 79 6.21 2.50 6.04
N ARG A 80 7.08 2.81 6.99
CA ARG A 80 6.83 3.94 7.89
C ARG A 80 7.05 5.30 7.19
N GLU A 81 7.96 5.35 6.22
CA GLU A 81 8.34 6.65 5.64
C GLU A 81 7.80 6.89 4.24
N CYS A 82 7.30 5.84 3.60
CA CYS A 82 6.84 5.96 2.21
C CYS A 82 5.33 5.73 2.07
N SER A 83 4.90 5.56 0.82
CA SER A 83 3.46 5.43 0.54
C SER A 83 2.89 4.16 1.15
N GLY A 84 3.76 3.17 1.37
CA GLY A 84 3.34 1.87 1.85
C GLY A 84 2.92 0.94 0.72
N ILE A 85 2.77 1.49 -0.48
CA ILE A 85 2.50 0.63 -1.62
C ILE A 85 3.84 0.20 -2.18
N VAL A 86 4.42 -0.81 -1.54
CA VAL A 86 5.77 -1.25 -1.82
C VAL A 86 5.78 -2.17 -3.05
N CYS A 87 6.53 -1.76 -4.06
CA CYS A 87 6.54 -2.44 -5.35
C CYS A 87 7.80 -3.27 -5.54
N LEU A 88 7.67 -4.35 -6.29
CA LEU A 88 8.78 -5.21 -6.57
C LEU A 88 9.13 -5.10 -8.05
N CYS A 89 10.24 -4.45 -8.37
CA CYS A 89 10.61 -4.25 -9.77
C CYS A 89 11.28 -5.49 -10.33
N LEU A 90 10.71 -6.06 -11.39
CA LEU A 90 11.24 -7.29 -11.97
C LEU A 90 11.57 -7.13 -13.43
N THR A 91 12.48 -7.95 -13.94
CA THR A 91 12.68 -8.02 -15.39
C THR A 91 11.48 -8.73 -15.99
N GLU A 92 11.25 -8.52 -17.29
CA GLU A 92 10.21 -9.29 -18.00
C GLU A 92 10.43 -10.80 -17.81
N ALA A 93 11.68 -11.24 -17.82
CA ALA A 93 11.97 -12.67 -17.73
C ALA A 93 11.56 -13.26 -16.38
N GLN A 94 11.78 -12.52 -15.30
CA GLN A 94 11.43 -13.02 -13.98
C GLN A 94 9.91 -12.94 -13.76
N ALA A 95 9.26 -11.87 -14.24
CA ALA A 95 7.80 -11.80 -14.16
C ALA A 95 7.16 -12.95 -14.94
N ASP A 96 7.74 -13.28 -16.08
CA ASP A 96 7.28 -14.41 -16.88
C ASP A 96 7.43 -15.73 -16.12
N ARG A 97 8.62 -15.95 -15.56
CA ARG A 97 8.90 -17.15 -14.76
C ARG A 97 7.86 -17.39 -13.67
N LEU A 98 7.41 -16.29 -13.06
CA LEU A 98 6.42 -16.31 -11.98
C LEU A 98 4.98 -16.34 -12.48
N ALA A 99 4.82 -16.27 -13.80
CA ALA A 99 3.51 -16.20 -14.44
C ALA A 99 2.66 -15.05 -13.89
N LEU A 100 3.20 -13.85 -13.96
CA LEU A 100 2.52 -12.66 -13.48
C LEU A 100 2.10 -11.80 -14.67
N PRO A 101 0.85 -11.97 -15.12
CA PRO A 101 0.35 -11.10 -16.17
C PRO A 101 0.09 -9.71 -15.63
N PRO A 102 0.04 -8.70 -16.52
CA PRO A 102 -0.42 -7.37 -16.13
C PRO A 102 -1.74 -7.45 -15.38
N MET A 103 -1.90 -6.60 -14.38
CA MET A 103 -3.11 -6.57 -13.58
C MET A 103 -4.32 -6.26 -14.46
N VAL A 104 -4.08 -5.45 -15.48
CA VAL A 104 -5.13 -4.96 -16.36
C VAL A 104 -4.74 -5.19 -17.81
N VAL A 105 -5.65 -5.72 -18.62
CA VAL A 105 -5.37 -5.96 -20.04
C VAL A 105 -5.03 -4.66 -20.77
N ASN A 106 -5.84 -3.63 -20.55
CA ASN A 106 -5.62 -2.31 -21.14
C ASN A 106 -5.34 -1.24 -20.08
N ASN A 107 -4.07 -1.05 -19.75
CA ASN A 107 -3.63 -0.08 -18.75
C ASN A 107 -3.87 1.35 -19.22
N ASN A 108 -4.67 2.12 -18.47
CA ASN A 108 -4.82 3.55 -18.79
C ASN A 108 -4.42 4.47 -17.64
N SER A 109 -3.51 4.00 -16.81
CA SER A 109 -2.89 4.84 -15.79
C SER A 109 -2.03 5.91 -16.46
N ALA A 110 -1.85 7.04 -15.79
CA ALA A 110 -1.15 8.20 -16.37
C ALA A 110 0.26 7.90 -16.86
N ASN A 111 1.00 7.08 -16.13
CA ASN A 111 2.38 6.75 -16.48
C ASN A 111 2.56 5.38 -17.12
N GLN A 112 1.45 4.67 -17.33
CA GLN A 112 1.49 3.28 -17.78
C GLN A 112 2.35 2.41 -16.85
N THR A 113 2.24 2.66 -15.55
CA THR A 113 2.96 1.87 -14.55
C THR A 113 2.56 0.41 -14.67
N ALA A 114 3.55 -0.46 -14.79
CA ALA A 114 3.32 -1.83 -15.26
C ALA A 114 3.01 -2.80 -14.13
N PHE A 115 2.01 -2.47 -13.32
CA PHE A 115 1.52 -3.37 -12.27
C PHE A 115 1.10 -4.72 -12.82
N THR A 116 1.69 -5.79 -12.29
CA THR A 116 1.14 -7.11 -12.52
C THR A 116 0.08 -7.37 -11.47
N VAL A 117 -0.50 -8.56 -11.52
CA VAL A 117 -1.38 -8.97 -10.42
CA VAL A 117 -1.35 -9.04 -10.44
C VAL A 117 -0.55 -8.95 -9.15
N SER A 118 -1.19 -8.61 -8.04
CA SER A 118 -0.47 -8.53 -6.77
C SER A 118 -0.22 -9.93 -6.23
N ILE A 119 0.77 -10.05 -5.34
CA ILE A 119 1.26 -11.35 -4.90
C ILE A 119 1.45 -11.45 -3.39
N GLU A 120 1.35 -12.69 -2.90
CA GLU A 120 1.71 -13.07 -1.54
C GLU A 120 2.53 -14.35 -1.62
N ALA A 121 3.47 -14.55 -0.71
CA ALA A 121 4.07 -15.88 -0.57
C ALA A 121 2.97 -16.88 -0.27
N LYS A 122 2.94 -17.99 -0.99
CA LYS A 122 1.93 -19.03 -0.75
C LYS A 122 2.14 -19.65 0.64
N HIS A 123 3.40 -19.80 1.04
CA HIS A 123 3.75 -20.35 2.35
C HIS A 123 4.69 -19.41 3.09
N GLY A 124 4.55 -19.35 4.41
CA GLY A 124 5.53 -18.66 5.23
C GLY A 124 5.17 -17.25 5.67
N VAL A 125 3.93 -16.84 5.42
CA VAL A 125 3.48 -15.53 5.86
C VAL A 125 2.13 -15.70 6.54
N THR A 126 1.66 -14.66 7.24
CA THR A 126 0.30 -14.73 7.75
C THR A 126 -0.57 -13.79 6.91
N THR A 127 -0.69 -12.53 7.31
CA THR A 127 -1.57 -11.61 6.62
C THR A 127 -0.89 -10.86 5.48
N GLY A 128 0.40 -11.09 5.33
CA GLY A 128 1.15 -10.52 4.23
C GLY A 128 1.65 -9.09 4.38
N VAL A 129 1.21 -8.34 5.39
CA VAL A 129 1.55 -6.92 5.42
C VAL A 129 2.66 -6.51 6.39
N SER A 130 2.99 -7.35 7.36
CA SER A 130 4.12 -7.03 8.23
C SER A 130 5.39 -6.88 7.40
N ALA A 131 6.35 -6.14 7.94
CA ALA A 131 7.64 -6.00 7.26
C ALA A 131 8.23 -7.39 6.95
N GLN A 132 8.16 -8.28 7.92
CA GLN A 132 8.71 -9.63 7.73
C GLN A 132 7.99 -10.38 6.60
N ASP A 133 6.66 -10.31 6.59
CA ASP A 133 5.87 -10.98 5.55
C ASP A 133 6.15 -10.41 4.16
N ARG A 134 6.23 -9.09 4.03
CA ARG A 134 6.50 -8.53 2.71
C ARG A 134 7.88 -8.96 2.19
N VAL A 135 8.87 -8.97 3.08
CA VAL A 135 10.21 -9.44 2.69
C VAL A 135 10.16 -10.90 2.27
N THR A 136 9.47 -11.74 3.04
CA THR A 136 9.31 -13.16 2.68
C THR A 136 8.70 -13.32 1.29
N THR A 137 7.64 -12.56 1.01
CA THR A 137 6.99 -12.59 -0.29
C THR A 137 7.96 -12.16 -1.40
N ILE A 138 8.69 -11.08 -1.13
CA ILE A 138 9.62 -10.54 -2.12
C ILE A 138 10.78 -11.49 -2.39
N LYS A 139 11.35 -12.09 -1.35
CA LYS A 139 12.42 -13.05 -1.52
C LYS A 139 11.92 -14.28 -2.28
N THR A 140 10.69 -14.69 -1.99
CA THR A 140 10.10 -15.84 -2.63
C THR A 140 9.93 -15.56 -4.13
N ALA A 141 9.38 -14.40 -4.45
CA ALA A 141 9.23 -14.00 -5.85
C ALA A 141 10.58 -13.88 -6.57
N ALA A 142 11.60 -13.35 -5.89
CA ALA A 142 12.86 -13.02 -6.57
C ALA A 142 13.82 -14.19 -6.71
N ASN A 143 13.53 -15.27 -5.98
CA ASN A 143 14.29 -16.52 -6.10
C ASN A 143 14.42 -16.89 -7.58
N PRO A 144 15.66 -16.95 -8.09
CA PRO A 144 15.84 -17.19 -9.52
C PRO A 144 15.31 -18.54 -9.98
N GLN A 145 15.00 -19.40 -9.01
CA GLN A 145 14.44 -20.72 -9.29
C GLN A 145 12.97 -20.83 -8.86
N ALA A 146 12.31 -19.69 -8.69
CA ALA A 146 10.92 -19.66 -8.22
C ALA A 146 9.94 -20.32 -9.22
N LYS A 147 8.83 -20.85 -8.70
CA LYS A 147 7.73 -21.33 -9.54
C LYS A 147 6.49 -20.47 -9.31
N PRO A 148 5.60 -20.38 -10.32
CA PRO A 148 4.39 -19.57 -10.13
C PRO A 148 3.58 -20.00 -8.90
N GLU A 149 3.55 -21.30 -8.62
CA GLU A 149 2.75 -21.81 -7.50
C GLU A 149 3.33 -21.42 -6.14
N ASP A 150 4.54 -20.85 -6.12
CA ASP A 150 5.15 -20.32 -4.91
C ASP A 150 4.43 -19.05 -4.41
N LEU A 151 3.64 -18.43 -5.28
CA LEU A 151 2.97 -17.19 -4.95
C LEU A 151 1.44 -17.30 -5.06
N ALA A 152 0.76 -16.89 -3.99
CA ALA A 152 -0.68 -16.69 -4.04
C ALA A 152 -0.98 -15.36 -4.71
N ARG A 153 -2.18 -15.23 -5.26
CA ARG A 153 -2.65 -13.97 -5.86
C ARG A 153 -4.14 -13.84 -5.54
N PRO A 154 -4.61 -12.63 -5.19
CA PRO A 154 -3.89 -11.37 -5.04
C PRO A 154 -3.10 -11.35 -3.74
N GLY A 155 -2.36 -10.28 -3.47
CA GLY A 155 -1.57 -10.19 -2.25
C GLY A 155 -1.24 -8.75 -1.93
N HIS A 156 -0.24 -8.53 -1.06
CA HIS A 156 0.07 -7.18 -0.60
C HIS A 156 1.43 -6.69 -1.08
N VAL A 157 2.05 -7.41 -1.99
CA VAL A 157 3.24 -6.91 -2.68
C VAL A 157 2.90 -6.70 -4.16
N PHE A 158 3.43 -5.64 -4.75
CA PHE A 158 3.00 -5.21 -6.07
C PHE A 158 4.12 -5.22 -7.10
N PRO A 159 4.23 -6.30 -7.88
CA PRO A 159 5.30 -6.42 -8.85
C PRO A 159 5.09 -5.51 -10.04
N LEU A 160 6.19 -5.05 -10.62
CA LEU A 160 6.17 -4.18 -11.79
C LEU A 160 7.08 -4.76 -12.86
N ARG A 161 6.62 -4.80 -14.10
CA ARG A 161 7.47 -5.26 -15.19
C ARG A 161 8.29 -4.10 -15.75
N ALA A 162 9.59 -4.13 -15.51
CA ALA A 162 10.48 -3.12 -16.09
C ALA A 162 10.57 -3.29 -17.60
N ARG A 163 10.57 -2.17 -18.32
CA ARG A 163 10.67 -2.19 -19.78
C ARG A 163 12.06 -2.62 -20.25
N ALA A 164 12.10 -3.48 -21.26
CA ALA A 164 13.37 -3.79 -21.90
C ALA A 164 14.02 -2.50 -22.39
N GLY A 165 15.31 -2.31 -22.11
CA GLY A 165 15.98 -1.07 -22.45
C GLY A 165 16.15 -0.12 -21.27
N GLY A 166 15.44 -0.39 -20.17
CA GLY A 166 15.60 0.42 -18.97
C GLY A 166 15.28 1.89 -19.15
N VAL A 167 16.10 2.75 -18.55
CA VAL A 167 15.78 4.17 -18.56
C VAL A 167 15.94 4.81 -19.94
N LEU A 168 16.57 4.08 -20.86
CA LEU A 168 16.68 4.60 -22.23
C LEU A 168 15.41 4.25 -23.02
N ALA A 169 14.52 3.47 -22.40
CA ALA A 169 13.24 3.13 -23.02
C ALA A 169 12.07 3.78 -22.29
N ARG A 170 12.22 3.94 -20.97
CA ARG A 170 11.16 4.53 -20.15
C ARG A 170 11.79 5.17 -18.93
N ARG A 171 11.52 6.44 -18.72
CA ARG A 171 12.16 7.20 -17.64
C ARG A 171 11.35 7.12 -16.34
N GLY A 172 11.03 5.90 -15.92
CA GLY A 172 10.26 5.68 -14.70
C GLY A 172 11.14 5.14 -13.58
N HIS A 173 10.68 5.21 -12.34
CA HIS A 173 11.44 4.64 -11.23
C HIS A 173 11.61 3.13 -11.39
N THR A 174 10.65 2.48 -12.06
CA THR A 174 10.73 1.03 -12.27
C THR A 174 12.01 0.68 -13.03
N GLU A 175 12.20 1.35 -14.15
CA GLU A 175 13.40 1.14 -14.98
C GLU A 175 14.66 1.60 -14.27
N GLY A 176 14.58 2.69 -13.51
CA GLY A 176 15.74 3.15 -12.77
C GLY A 176 16.20 2.10 -11.77
N THR A 177 15.23 1.45 -11.14
CA THR A 177 15.52 0.39 -10.16
C THR A 177 16.25 -0.78 -10.78
N VAL A 178 15.68 -1.35 -11.85
CA VAL A 178 16.30 -2.52 -12.46
C VAL A 178 17.64 -2.13 -13.10
N ASP A 179 17.71 -0.95 -13.73
CA ASP A 179 18.98 -0.50 -14.30
C ASP A 179 20.06 -0.31 -13.24
N LEU A 180 19.71 0.24 -12.08
CA LEU A 180 20.69 0.38 -11.01
C LEU A 180 21.28 -0.96 -10.60
N MET A 181 20.40 -1.96 -10.44
CA MET A 181 20.81 -3.30 -10.03
C MET A 181 21.79 -3.89 -11.04
N GLN A 182 21.43 -3.82 -12.31
CA GLN A 182 22.27 -4.36 -13.38
C GLN A 182 23.60 -3.63 -13.46
N MET A 183 23.58 -2.30 -13.37
CA MET A 183 24.80 -1.48 -13.43
CA MET A 183 24.82 -1.53 -13.46
C MET A 183 25.71 -1.79 -12.24
N ALA A 184 25.11 -2.12 -11.10
CA ALA A 184 25.89 -2.43 -9.90
C ALA A 184 26.41 -3.86 -9.91
N GLY A 185 25.94 -4.67 -10.87
CA GLY A 185 26.34 -6.06 -10.96
C GLY A 185 25.53 -6.97 -10.05
N LEU A 186 24.38 -6.49 -9.61
CA LEU A 186 23.53 -7.23 -8.67
C LEU A 186 22.41 -7.98 -9.40
N GLN A 187 21.76 -8.90 -8.72
CA GLN A 187 20.58 -9.54 -9.29
C GLN A 187 19.50 -8.49 -9.60
N PRO A 188 18.89 -8.58 -10.78
CA PRO A 188 18.07 -7.48 -11.30
C PRO A 188 16.67 -7.45 -10.73
N ALA A 189 16.57 -7.39 -9.40
CA ALA A 189 15.28 -7.21 -8.74
C ALA A 189 15.47 -6.19 -7.63
N GLY A 190 14.58 -5.19 -7.59
CA GLY A 190 14.65 -4.19 -6.54
C GLY A 190 13.30 -3.87 -5.94
N VAL A 191 13.31 -3.31 -4.73
CA VAL A 191 12.06 -2.84 -4.17
CA VAL A 191 12.14 -2.85 -4.02
C VAL A 191 12.07 -1.32 -4.12
N LEU A 192 10.87 -0.77 -4.25
CA LEU A 192 10.70 0.65 -4.55
C LEU A 192 9.46 1.22 -3.87
N CYS A 193 9.56 2.43 -3.34
CA CYS A 193 8.38 3.08 -2.75
C CYS A 193 8.61 4.57 -2.59
N GLU A 194 7.54 5.35 -2.77
CA GLU A 194 7.61 6.80 -2.84
C GLU A 194 7.72 7.45 -1.46
N LEU A 195 8.74 8.26 -1.26
CA LEU A 195 8.91 8.93 0.03
C LEU A 195 7.77 9.92 0.24
N THR A 196 7.13 9.86 1.42
CA THR A 196 5.95 10.64 1.73
C THR A 196 6.15 11.48 3.01
N ASN A 197 5.74 12.75 2.97
CA ASN A 197 5.83 13.61 4.15
C ASN A 197 4.78 13.22 5.17
N PRO A 198 5.03 13.51 6.45
CA PRO A 198 4.04 13.15 7.48
C PRO A 198 2.62 13.69 7.18
N ASP A 199 2.50 14.87 6.60
CA ASP A 199 1.17 15.43 6.33
C ASP A 199 0.48 14.83 5.09
N GLY A 200 1.11 13.82 4.49
CA GLY A 200 0.49 13.13 3.38
C GLY A 200 0.90 13.63 2.01
N SER A 201 1.54 14.80 1.96
CA SER A 201 2.07 15.29 0.69
C SER A 201 3.32 14.49 0.34
N MET A 202 3.69 14.46 -0.93
CA MET A 202 4.84 13.70 -1.38
C MET A 202 6.10 14.51 -1.24
N ALA A 203 7.17 13.86 -0.80
CA ALA A 203 8.47 14.52 -0.63
C ALA A 203 8.96 15.12 -1.94
N LYS A 204 9.52 16.32 -1.88
CA LYS A 204 10.19 16.89 -3.05
C LYS A 204 11.68 16.97 -2.74
N THR A 205 12.46 17.53 -3.66
CA THR A 205 13.93 17.45 -3.58
C THR A 205 14.54 17.81 -2.21
N PRO A 206 14.09 18.92 -1.58
CA PRO A 206 14.67 19.23 -0.27
C PRO A 206 14.45 18.14 0.77
N GLU A 207 13.25 17.56 0.79
CA GLU A 207 12.92 16.53 1.78
C GLU A 207 13.67 15.24 1.47
N ILE A 208 13.81 14.93 0.18
CA ILE A 208 14.57 13.76 -0.26
C ILE A 208 16.03 13.87 0.15
N ILE A 209 16.61 15.03 -0.12
CA ILE A 209 17.99 15.29 0.28
C ILE A 209 18.15 15.12 1.80
N GLU A 210 17.23 15.73 2.55
CA GLU A 210 17.23 15.60 4.02
C GLU A 210 17.20 14.13 4.46
N PHE A 211 16.31 13.35 3.82
CA PHE A 211 16.17 11.93 4.16
C PHE A 211 17.46 11.17 3.84
N GLY A 212 18.08 11.48 2.72
CA GLY A 212 19.30 10.80 2.32
C GLY A 212 20.44 11.04 3.30
N LYS A 213 20.53 12.27 3.80
CA LYS A 213 21.55 12.60 4.76
C LYS A 213 21.31 11.93 6.11
N LEU A 214 20.03 11.84 6.50
CA LEU A 214 19.66 11.15 7.72
C LEU A 214 20.02 9.66 7.69
N HIS A 215 19.81 9.03 6.55
CA HIS A 215 19.86 7.58 6.50
C HIS A 215 21.01 7.03 5.65
N ASN A 216 21.97 7.88 5.34
CA ASN A 216 23.18 7.47 4.63
C ASN A 216 22.82 6.81 3.30
N MET A 217 21.85 7.41 2.61
CA MET A 217 21.38 6.94 1.31
C MET A 217 21.72 7.95 0.24
N PRO A 218 22.52 7.53 -0.75
CA PRO A 218 22.84 8.36 -1.92
C PRO A 218 21.58 8.82 -2.66
N VAL A 219 21.58 10.07 -3.11
CA VAL A 219 20.47 10.61 -3.89
C VAL A 219 20.95 10.80 -5.34
N LEU A 220 20.11 10.44 -6.30
CA LEU A 220 20.41 10.65 -7.71
C LEU A 220 19.12 10.79 -8.51
N THR A 221 19.23 11.23 -9.77
CA THR A 221 18.06 11.38 -10.62
C THR A 221 18.07 10.40 -11.77
N ILE A 222 16.92 10.28 -12.40
CA ILE A 222 16.82 9.46 -13.59
C ILE A 222 17.68 10.07 -14.71
N GLU A 223 17.72 11.39 -14.81
CA GLU A 223 18.57 12.02 -15.83
C GLU A 223 20.05 11.70 -15.58
N ASP A 224 20.47 11.67 -14.30
CA ASP A 224 21.82 11.20 -13.95
C ASP A 224 22.08 9.83 -14.58
N MET A 225 21.13 8.92 -14.40
CA MET A 225 21.27 7.56 -14.92
C MET A 225 21.31 7.55 -16.45
N VAL A 226 20.41 8.31 -17.07
CA VAL A 226 20.36 8.35 -18.53
C VAL A 226 21.68 8.87 -19.10
N GLN A 227 22.20 9.97 -18.56
CA GLN A 227 23.45 10.54 -19.04
C GLN A 227 24.62 9.58 -18.83
N TYR A 228 24.63 8.89 -17.69
CA TYR A 228 25.67 7.91 -17.39
C TYR A 228 25.65 6.76 -18.40
N ARG A 229 24.48 6.20 -18.65
CA ARG A 229 24.35 5.10 -19.62
C ARG A 229 24.78 5.54 -21.03
N ILE A 230 24.37 6.73 -21.42
CA ILE A 230 24.76 7.25 -22.74
C ILE A 230 26.27 7.43 -22.85
N GLN A 231 26.87 8.03 -21.84
CA GLN A 231 28.30 8.31 -21.86
C GLN A 231 29.15 7.05 -21.92
N PHE A 232 28.72 6.01 -21.24
CA PHE A 232 29.56 4.82 -21.15
C PHE A 232 29.03 3.69 -22.05
N ASP A 233 28.19 4.08 -23.01
CA ASP A 233 27.67 3.17 -24.03
C ASP A 233 27.10 1.90 -23.43
N LEU A 234 26.32 2.05 -22.37
CA LEU A 234 25.89 0.92 -21.56
C LEU A 234 24.58 0.28 -22.02
N LYS A 235 24.72 -0.84 -22.72
CA LYS A 235 23.61 -1.74 -22.96
C LYS A 235 23.48 -2.65 -21.75
N LEU A 236 22.26 -2.89 -21.29
CA LEU A 236 22.07 -3.74 -20.11
C LEU A 236 21.27 -4.97 -20.48
N SER B 18 -0.52 -12.15 35.46
CA SER B 18 -1.43 -12.78 34.50
C SER B 18 -1.92 -11.78 33.45
N HIS B 19 -1.89 -12.18 32.19
CA HIS B 19 -2.44 -11.38 31.11
C HIS B 19 -3.92 -11.66 30.91
N MET B 20 -4.75 -10.63 31.05
CA MET B 20 -6.17 -10.78 30.77
C MET B 20 -6.39 -10.97 29.28
N ASN B 21 -7.54 -11.51 28.89
CA ASN B 21 -7.77 -11.78 27.48
C ASN B 21 -8.18 -10.51 26.76
N GLN B 22 -8.42 -10.64 25.46
CA GLN B 22 -8.73 -9.48 24.64
C GLN B 22 -10.02 -8.81 25.10
N SER B 23 -11.02 -9.62 25.40
CA SER B 23 -12.29 -9.06 25.82
CA SER B 23 -12.31 -9.10 25.85
C SER B 23 -12.13 -8.24 27.09
N SER B 24 -11.24 -8.68 27.98
CA SER B 24 -10.99 -7.92 29.19
C SER B 24 -10.23 -6.64 28.91
N LEU B 25 -9.24 -6.68 28.02
CA LEU B 25 -8.54 -5.44 27.67
C LEU B 25 -9.51 -4.43 27.05
N LEU B 26 -10.55 -4.92 26.39
CA LEU B 26 -11.48 -4.03 25.69
C LEU B 26 -12.59 -3.52 26.59
N ALA B 27 -12.67 -4.04 27.81
CA ALA B 27 -13.77 -3.67 28.71
C ALA B 27 -13.83 -2.16 28.97
N GLU B 28 -12.71 -1.47 28.91
CA GLU B 28 -12.73 -0.04 29.19
C GLU B 28 -13.46 0.75 28.10
N PHE B 29 -13.77 0.09 26.98
CA PHE B 29 -14.55 0.74 25.92
C PHE B 29 -16.03 0.46 26.06
N GLY B 30 -16.37 -0.37 27.04
CA GLY B 30 -17.75 -0.76 27.28
C GLY B 30 -17.99 -2.24 26.98
N ASP B 31 -19.21 -2.69 27.23
CA ASP B 31 -19.63 -4.04 26.88
C ASP B 31 -19.72 -4.12 25.35
N PRO B 32 -19.80 -5.35 24.78
CA PRO B 32 -19.73 -5.46 23.30
C PRO B 32 -20.77 -4.62 22.53
N ILE B 33 -22.01 -4.59 22.99
CA ILE B 33 -23.03 -3.82 22.30
C ILE B 33 -22.70 -2.33 22.40
N THR B 34 -22.27 -1.90 23.59
CA THR B 34 -21.87 -0.51 23.78
C THR B 34 -20.67 -0.14 22.90
N ARG B 35 -19.72 -1.07 22.75
CA ARG B 35 -18.60 -0.82 21.86
C ARG B 35 -19.06 -0.56 20.42
N VAL B 36 -20.09 -1.28 19.97
CA VAL B 36 -20.57 -1.04 18.60
C VAL B 36 -21.29 0.31 18.52
N GLU B 37 -22.12 0.61 19.52
CA GLU B 37 -22.88 1.86 19.51
C GLU B 37 -21.95 3.06 19.51
N ASN B 38 -20.85 2.97 20.25
CA ASN B 38 -19.89 4.07 20.28
C ASN B 38 -19.17 4.22 18.95
N ALA B 39 -18.94 3.10 18.27
CA ALA B 39 -18.32 3.12 16.95
C ALA B 39 -19.21 3.80 15.91
N LEU B 40 -20.51 3.46 15.94
CA LEU B 40 -21.47 4.07 15.03
C LEU B 40 -21.51 5.57 15.22
N GLN B 41 -21.51 6.00 16.47
CA GLN B 41 -21.62 7.43 16.75
C GLN B 41 -20.35 8.18 16.34
N ALA B 42 -19.19 7.56 16.54
CA ALA B 42 -17.92 8.17 16.08
C ALA B 42 -17.98 8.41 14.58
N LEU B 43 -18.41 7.39 13.83
CA LEU B 43 -18.51 7.51 12.39
C LEU B 43 -19.51 8.61 11.98
N ARG B 44 -20.63 8.69 12.69
CA ARG B 44 -21.60 9.76 12.43
C ARG B 44 -20.98 11.13 12.72
N GLU B 45 -20.03 11.18 13.63
CA GLU B 45 -19.37 12.42 13.98
C GLU B 45 -18.15 12.66 13.09
N GLY B 46 -17.94 11.74 12.15
CA GLY B 46 -16.87 11.89 11.18
C GLY B 46 -15.52 11.48 11.73
N ARG B 47 -15.51 10.73 12.82
CA ARG B 47 -14.27 10.25 13.43
C ARG B 47 -14.00 8.83 12.96
N GLY B 48 -12.75 8.38 13.15
CA GLY B 48 -12.40 7.00 12.79
C GLY B 48 -12.73 6.00 13.88
N VAL B 49 -12.66 4.72 13.53
CA VAL B 49 -12.79 3.65 14.52
C VAL B 49 -11.70 2.61 14.23
N LEU B 50 -11.38 1.80 15.24
CA LEU B 50 -10.44 0.70 15.03
C LEU B 50 -11.17 -0.61 15.22
N LEU B 51 -11.15 -1.44 14.17
CA LEU B 51 -11.85 -2.72 14.18
C LEU B 51 -10.88 -3.88 14.22
N LEU B 52 -11.01 -4.70 15.26
CA LEU B 52 -10.28 -5.94 15.40
C LEU B 52 -11.08 -7.11 14.82
N ASP B 53 -10.42 -8.00 14.08
CA ASP B 53 -11.14 -9.21 13.67
C ASP B 53 -10.84 -10.33 14.68
N ASP B 54 -11.34 -11.54 14.40
CA ASP B 54 -11.17 -12.67 15.32
C ASP B 54 -9.70 -12.95 15.63
N GLU B 55 -9.43 -13.26 16.88
CA GLU B 55 -8.08 -13.57 17.32
C GLU B 55 -7.44 -14.72 16.53
N ASP B 56 -8.26 -15.66 16.07
CA ASP B 56 -7.74 -16.80 15.30
C ASP B 56 -7.83 -16.57 13.79
N ARG B 57 -8.17 -15.35 13.39
CA ARG B 57 -8.16 -14.99 11.98
C ARG B 57 -6.88 -14.16 11.70
N GLU B 58 -7.04 -12.87 11.46
CA GLU B 58 -5.86 -12.02 11.29
C GLU B 58 -5.31 -11.54 12.62
N ASN B 59 -6.19 -11.43 13.62
CA ASN B 59 -5.83 -10.83 14.91
C ASN B 59 -5.17 -9.46 14.65
N GLU B 60 -5.81 -8.68 13.77
CA GLU B 60 -5.32 -7.36 13.39
C GLU B 60 -6.36 -6.29 13.61
N GLY B 61 -5.89 -5.08 13.88
CA GLY B 61 -6.80 -3.94 13.98
C GLY B 61 -6.60 -3.01 12.81
N ASP B 62 -7.70 -2.63 12.16
CA ASP B 62 -7.67 -1.71 11.03
C ASP B 62 -8.33 -0.39 11.39
N ILE B 63 -7.74 0.72 10.98
CA ILE B 63 -8.46 2.00 11.04
C ILE B 63 -9.54 2.00 9.97
N ILE B 64 -10.72 2.50 10.33
CA ILE B 64 -11.84 2.66 9.42
C ILE B 64 -12.30 4.12 9.42
N TYR B 65 -12.47 4.69 8.24
CA TYR B 65 -13.10 6.01 8.12
C TYR B 65 -14.27 5.94 7.17
N ALA B 66 -15.31 6.70 7.50
CA ALA B 66 -16.41 6.89 6.59
C ALA B 66 -15.94 7.69 5.37
N VAL B 67 -16.31 7.26 4.17
CA VAL B 67 -15.94 8.03 2.99
C VAL B 67 -16.63 9.40 2.99
N GLU B 68 -17.87 9.46 3.47
CA GLU B 68 -18.60 10.71 3.29
C GLU B 68 -18.02 11.88 4.10
N SER B 69 -17.26 11.61 5.15
CA SER B 69 -16.56 12.68 5.89
C SER B 69 -15.03 12.61 5.80
N LEU B 70 -14.53 11.82 4.86
CA LEU B 70 -13.08 11.62 4.71
C LEU B 70 -12.31 12.91 4.40
N THR B 71 -11.27 13.18 5.18
CA THR B 71 -10.39 14.31 4.96
C THR B 71 -8.95 13.90 4.59
N THR B 72 -8.20 14.84 4.03
CA THR B 72 -6.79 14.63 3.71
C THR B 72 -5.99 14.25 4.96
N ALA B 73 -6.26 14.92 6.09
CA ALA B 73 -5.54 14.61 7.33
C ALA B 73 -5.82 13.17 7.83
N GLN B 74 -7.05 12.71 7.66
CA GLN B 74 -7.37 11.33 8.03
C GLN B 74 -6.56 10.35 7.19
N MET B 75 -6.50 10.61 5.89
CA MET B 75 -5.77 9.73 4.98
C MET B 75 -4.27 9.78 5.28
N ALA B 76 -3.74 10.97 5.56
CA ALA B 76 -2.32 11.11 5.91
C ALA B 76 -1.96 10.26 7.13
N LEU B 77 -2.84 10.27 8.13
CA LEU B 77 -2.65 9.46 9.32
C LEU B 77 -2.58 7.98 8.97
N MET B 78 -3.49 7.55 8.11
CA MET B 78 -3.52 6.18 7.66
C MET B 78 -2.23 5.80 6.98
N ILE B 79 -1.75 6.67 6.10
CA ILE B 79 -0.52 6.38 5.36
C ILE B 79 0.67 6.32 6.33
N ARG B 80 0.68 7.21 7.32
CA ARG B 80 1.80 7.25 8.25
C ARG B 80 1.77 6.11 9.26
N GLU B 81 0.60 5.76 9.76
CA GLU B 81 0.49 4.81 10.87
C GLU B 81 0.04 3.42 10.50
N CYS B 82 -0.41 3.22 9.26
CA CYS B 82 -0.88 1.91 8.84
C CYS B 82 0.01 1.33 7.72
N SER B 83 -0.45 0.26 7.07
CA SER B 83 0.35 -0.43 6.06
C SER B 83 0.56 0.41 4.81
N GLY B 84 -0.32 1.40 4.61
CA GLY B 84 -0.24 2.25 3.43
C GLY B 84 -0.99 1.66 2.25
N ILE B 85 -1.35 0.39 2.36
CA ILE B 85 -2.17 -0.22 1.33
C ILE B 85 -3.62 0.08 1.72
N VAL B 86 -4.05 1.29 1.40
CA VAL B 86 -5.35 1.77 1.86
C VAL B 86 -6.45 1.26 0.94
N CYS B 87 -7.43 0.57 1.52
CA CYS B 87 -8.48 -0.06 0.71
C CYS B 87 -9.79 0.68 0.77
N LEU B 88 -10.60 0.52 -0.27
CA LEU B 88 -11.92 1.14 -0.32
C LEU B 88 -12.98 0.04 -0.33
N CYS B 89 -13.73 -0.03 0.75
CA CYS B 89 -14.75 -1.08 0.88
C CYS B 89 -16.04 -0.63 0.21
N LEU B 90 -16.48 -1.38 -0.79
CA LEU B 90 -17.69 -1.06 -1.54
C LEU B 90 -18.71 -2.18 -1.46
N THR B 91 -19.99 -1.84 -1.66
CA THR B 91 -21.02 -2.83 -1.89
C THR B 91 -20.81 -3.50 -3.25
N GLU B 92 -21.35 -4.69 -3.42
CA GLU B 92 -21.27 -5.36 -4.72
C GLU B 92 -21.95 -4.50 -5.78
N ALA B 93 -23.06 -3.85 -5.41
CA ALA B 93 -23.78 -3.00 -6.35
C ALA B 93 -22.91 -1.85 -6.85
N GLN B 94 -22.20 -1.19 -5.95
CA GLN B 94 -21.36 -0.07 -6.35
C GLN B 94 -20.16 -0.53 -7.20
N ALA B 95 -19.53 -1.64 -6.82
CA ALA B 95 -18.40 -2.14 -7.60
C ALA B 95 -18.86 -2.55 -9.01
N ASP B 96 -20.05 -3.12 -9.10
CA ASP B 96 -20.64 -3.46 -10.39
C ASP B 96 -20.93 -2.23 -11.23
N ARG B 97 -21.45 -1.19 -10.60
CA ARG B 97 -21.74 0.07 -11.28
C ARG B 97 -20.46 0.68 -11.85
N LEU B 98 -19.33 0.43 -11.18
CA LEU B 98 -18.03 0.95 -11.59
C LEU B 98 -17.28 -0.02 -12.51
N ALA B 99 -17.92 -1.14 -12.83
CA ALA B 99 -17.31 -2.19 -13.64
C ALA B 99 -15.94 -2.58 -13.10
N LEU B 100 -15.90 -2.90 -11.80
CA LEU B 100 -14.66 -3.32 -11.15
C LEU B 100 -14.70 -4.81 -10.88
N PRO B 101 -14.17 -5.61 -11.80
CA PRO B 101 -14.17 -7.05 -11.60
C PRO B 101 -13.11 -7.45 -10.56
N PRO B 102 -13.21 -8.66 -10.00
CA PRO B 102 -12.13 -9.18 -9.16
C PRO B 102 -10.80 -9.07 -9.87
N MET B 103 -9.76 -8.67 -9.15
CA MET B 103 -8.42 -8.60 -9.72
C MET B 103 -7.98 -9.94 -10.30
N VAL B 104 -8.38 -11.01 -9.62
CA VAL B 104 -7.99 -12.38 -9.95
C VAL B 104 -9.23 -13.28 -10.01
N VAL B 105 -9.35 -14.05 -11.08
CA VAL B 105 -10.50 -14.95 -11.24
C VAL B 105 -10.50 -16.02 -10.16
N ASN B 106 -9.34 -16.64 -9.95
CA ASN B 106 -9.20 -17.68 -8.94
C ASN B 106 -8.35 -17.21 -7.76
N ASN B 107 -8.98 -16.44 -6.88
CA ASN B 107 -8.36 -15.88 -5.69
C ASN B 107 -7.92 -16.99 -4.73
N ASN B 108 -6.61 -17.11 -4.48
CA ASN B 108 -6.17 -18.10 -3.49
C ASN B 108 -5.39 -17.45 -2.36
N SER B 109 -5.71 -16.19 -2.07
CA SER B 109 -5.20 -15.53 -0.88
C SER B 109 -5.83 -16.18 0.35
N ALA B 110 -5.10 -16.15 1.47
CA ALA B 110 -5.52 -16.81 2.71
C ALA B 110 -6.96 -16.53 3.13
N ASN B 111 -7.38 -15.27 3.11
CA ASN B 111 -8.73 -14.89 3.52
C ASN B 111 -9.69 -14.66 2.35
N GLN B 112 -9.23 -14.95 1.14
CA GLN B 112 -10.00 -14.65 -0.08
C GLN B 112 -10.44 -13.19 -0.10
N THR B 113 -9.52 -12.30 0.27
CA THR B 113 -9.80 -10.86 0.33
C THR B 113 -10.16 -10.37 -1.06
N ALA B 114 -11.29 -9.66 -1.17
CA ALA B 114 -11.93 -9.44 -2.46
C ALA B 114 -11.40 -8.23 -3.22
N PHE B 115 -10.09 -8.23 -3.49
CA PHE B 115 -9.48 -7.13 -4.26
C PHE B 115 -10.06 -7.04 -5.66
N THR B 116 -10.50 -5.86 -6.06
CA THR B 116 -10.75 -5.60 -7.47
C THR B 116 -9.45 -5.11 -8.08
N VAL B 117 -9.46 -4.83 -9.38
CA VAL B 117 -8.35 -4.09 -9.96
C VAL B 117 -8.25 -2.74 -9.27
N SER B 118 -7.03 -2.23 -9.14
CA SER B 118 -6.81 -0.96 -8.46
C SER B 118 -7.27 0.21 -9.33
N ILE B 119 -7.51 1.34 -8.70
CA ILE B 119 -8.12 2.49 -9.36
C ILE B 119 -7.45 3.82 -9.05
N GLU B 120 -7.69 4.78 -9.94
CA GLU B 120 -7.21 6.14 -9.83
C GLU B 120 -8.28 7.08 -10.39
N ALA B 121 -8.47 8.23 -9.75
CA ALA B 121 -9.30 9.27 -10.36
C ALA B 121 -8.63 9.74 -11.65
N LYS B 122 -9.43 10.18 -12.61
CA LYS B 122 -8.87 10.76 -13.83
C LYS B 122 -8.67 12.25 -13.69
N HIS B 123 -9.59 12.91 -13.01
CA HIS B 123 -9.48 14.34 -12.81
C HIS B 123 -9.14 14.66 -11.37
N GLY B 124 -8.38 15.73 -11.18
CA GLY B 124 -8.12 16.27 -9.87
C GLY B 124 -6.96 15.64 -9.14
N VAL B 125 -6.24 14.74 -9.80
CA VAL B 125 -5.06 14.12 -9.18
C VAL B 125 -3.83 14.24 -10.07
N THR B 126 -2.67 13.93 -9.51
CA THR B 126 -1.45 13.81 -10.31
C THR B 126 -0.96 12.37 -10.30
N THR B 127 -0.11 12.03 -9.33
CA THR B 127 0.50 10.71 -9.30
C THR B 127 -0.35 9.71 -8.54
N GLY B 128 -1.37 10.24 -7.86
CA GLY B 128 -2.38 9.41 -7.23
C GLY B 128 -2.06 8.90 -5.84
N VAL B 129 -0.85 9.14 -5.36
CA VAL B 129 -0.42 8.53 -4.11
CA VAL B 129 -0.42 8.54 -4.09
C VAL B 129 -0.44 9.48 -2.90
N SER B 130 -0.46 10.79 -3.15
CA SER B 130 -0.57 11.73 -2.03
C SER B 130 -1.88 11.47 -1.28
N ALA B 131 -1.91 11.85 -0.01
CA ALA B 131 -3.12 11.74 0.79
C ALA B 131 -4.29 12.40 0.08
N GLN B 132 -4.07 13.61 -0.43
CA GLN B 132 -5.13 14.33 -1.13
C GLN B 132 -5.63 13.55 -2.35
N ASP B 133 -4.69 13.04 -3.14
CA ASP B 133 -5.01 12.28 -4.34
C ASP B 133 -5.81 11.00 -4.04
N ARG B 134 -5.40 10.24 -3.02
CA ARG B 134 -6.16 9.04 -2.66
C ARG B 134 -7.59 9.40 -2.24
N VAL B 135 -7.73 10.49 -1.48
CA VAL B 135 -9.07 10.93 -1.07
C VAL B 135 -9.92 11.26 -2.31
N THR B 136 -9.32 11.99 -3.24
CA THR B 136 -10.02 12.33 -4.48
C THR B 136 -10.48 11.08 -5.22
N THR B 137 -9.60 10.10 -5.35
CA THR B 137 -9.95 8.84 -5.99
C THR B 137 -11.10 8.14 -5.30
N ILE B 138 -11.01 8.11 -3.97
CA ILE B 138 -11.99 7.43 -3.14
C ILE B 138 -13.35 8.12 -3.22
N LYS B 139 -13.35 9.45 -3.17
CA LYS B 139 -14.59 10.22 -3.31
C LYS B 139 -15.21 9.98 -4.68
N THR B 140 -14.37 9.93 -5.71
CA THR B 140 -14.83 9.71 -7.07
C THR B 140 -15.49 8.34 -7.21
N ALA B 141 -14.84 7.33 -6.65
CA ALA B 141 -15.30 5.95 -6.74
C ALA B 141 -16.58 5.71 -5.93
N ALA B 142 -16.67 6.35 -4.77
CA ALA B 142 -17.79 6.11 -3.86
C ALA B 142 -19.04 6.88 -4.24
N ASN B 143 -18.91 7.81 -5.18
CA ASN B 143 -20.06 8.59 -5.60
C ASN B 143 -21.15 7.68 -6.18
N PRO B 144 -22.39 7.79 -5.65
CA PRO B 144 -23.45 6.87 -6.08
C PRO B 144 -23.85 7.03 -7.55
N GLN B 145 -23.47 8.15 -8.17
CA GLN B 145 -23.69 8.33 -9.59
C GLN B 145 -22.38 8.24 -10.38
N ALA B 146 -21.37 7.60 -9.80
CA ALA B 146 -20.10 7.40 -10.50
C ALA B 146 -20.26 6.44 -11.66
N LYS B 147 -19.40 6.62 -12.66
CA LYS B 147 -19.38 5.75 -13.82
C LYS B 147 -17.99 5.12 -13.95
N PRO B 148 -17.90 3.93 -14.57
CA PRO B 148 -16.62 3.22 -14.72
C PRO B 148 -15.52 4.13 -15.26
N GLU B 149 -15.86 4.94 -16.24
CA GLU B 149 -14.89 5.80 -16.91
C GLU B 149 -14.36 6.92 -16.03
N ASP B 150 -14.99 7.17 -14.88
CA ASP B 150 -14.45 8.15 -13.93
C ASP B 150 -13.15 7.67 -13.31
N LEU B 151 -12.86 6.39 -13.45
CA LEU B 151 -11.71 5.78 -12.80
C LEU B 151 -10.74 5.14 -13.79
N ALA B 152 -9.47 5.51 -13.69
CA ALA B 152 -8.44 4.80 -14.44
C ALA B 152 -8.06 3.53 -13.68
N ARG B 153 -7.54 2.54 -14.40
CA ARG B 153 -7.04 1.31 -13.81
C ARG B 153 -5.77 0.91 -14.55
N PRO B 154 -4.72 0.48 -13.81
CA PRO B 154 -4.61 0.39 -12.35
C PRO B 154 -4.40 1.74 -11.69
N GLY B 155 -4.24 1.74 -10.38
CA GLY B 155 -4.03 2.96 -9.64
C GLY B 155 -3.48 2.68 -8.26
N HIS B 156 -3.68 3.62 -7.34
CA HIS B 156 -3.08 3.45 -6.01
C HIS B 156 -4.10 3.33 -4.89
N VAL B 157 -5.37 3.17 -5.25
CA VAL B 157 -6.41 2.84 -4.27
C VAL B 157 -6.93 1.45 -4.59
N PHE B 158 -7.19 0.66 -3.55
CA PHE B 158 -7.53 -0.74 -3.71
C PHE B 158 -8.95 -1.06 -3.24
N PRO B 159 -9.89 -1.13 -4.19
CA PRO B 159 -11.27 -1.44 -3.78
C PRO B 159 -11.43 -2.92 -3.39
N LEU B 160 -12.37 -3.15 -2.46
CA LEU B 160 -12.73 -4.48 -2.00
C LEU B 160 -14.25 -4.64 -2.10
N ARG B 161 -14.67 -5.77 -2.63
CA ARG B 161 -16.10 -6.09 -2.68
C ARG B 161 -16.57 -6.72 -1.37
N ALA B 162 -17.34 -5.99 -0.59
CA ALA B 162 -17.94 -6.55 0.62
C ALA B 162 -18.98 -7.61 0.28
N ARG B 163 -19.02 -8.68 1.07
CA ARG B 163 -20.01 -9.74 0.87
C ARG B 163 -21.40 -9.29 1.33
N ALA B 164 -22.40 -9.62 0.52
CA ALA B 164 -23.78 -9.42 0.92
C ALA B 164 -24.00 -10.14 2.25
N GLY B 165 -24.70 -9.47 3.17
CA GLY B 165 -24.95 -10.03 4.48
C GLY B 165 -23.99 -9.55 5.56
N GLY B 166 -22.91 -8.87 5.14
CA GLY B 166 -21.98 -8.29 6.09
C GLY B 166 -21.33 -9.32 7.01
N VAL B 167 -21.10 -8.93 8.27
CA VAL B 167 -20.31 -9.76 9.19
C VAL B 167 -21.02 -11.04 9.57
N LEU B 168 -22.32 -11.11 9.34
CA LEU B 168 -23.06 -12.35 9.57
C LEU B 168 -22.79 -13.39 8.48
N ALA B 169 -22.19 -12.96 7.37
CA ALA B 169 -21.87 -13.85 6.25
C ALA B 169 -20.37 -14.07 6.04
N ARG B 170 -19.58 -13.04 6.27
CA ARG B 170 -18.12 -13.15 6.21
C ARG B 170 -17.54 -12.25 7.28
N ARG B 171 -16.65 -12.81 8.10
CA ARG B 171 -16.14 -12.08 9.25
C ARG B 171 -14.86 -11.32 8.92
N GLY B 172 -14.87 -10.56 7.83
CA GLY B 172 -13.71 -9.77 7.46
C GLY B 172 -13.86 -8.30 7.82
N HIS B 173 -12.74 -7.58 7.89
CA HIS B 173 -12.78 -6.14 8.11
C HIS B 173 -13.58 -5.45 6.98
N THR B 174 -13.56 -6.01 5.78
CA THR B 174 -14.30 -5.46 4.65
C THR B 174 -15.80 -5.37 4.96
N GLU B 175 -16.36 -6.48 5.40
CA GLU B 175 -17.78 -6.53 5.79
C GLU B 175 -18.04 -5.68 7.02
N GLY B 176 -17.12 -5.71 7.97
CA GLY B 176 -17.23 -4.87 9.16
C GLY B 176 -17.37 -3.42 8.77
N THR B 177 -16.54 -2.98 7.83
CA THR B 177 -16.55 -1.60 7.36
C THR B 177 -17.90 -1.18 6.76
N VAL B 178 -18.41 -1.97 5.82
CA VAL B 178 -19.64 -1.60 5.14
C VAL B 178 -20.83 -1.71 6.07
N ASP B 179 -20.84 -2.75 6.91
CA ASP B 179 -21.88 -2.88 7.93
C ASP B 179 -21.95 -1.66 8.85
N LEU B 180 -20.79 -1.19 9.33
CA LEU B 180 -20.76 -0.05 10.22
C LEU B 180 -21.35 1.18 9.54
N MET B 181 -20.97 1.41 8.28
CA MET B 181 -21.51 2.54 7.52
C MET B 181 -23.02 2.45 7.39
N GLN B 182 -23.53 1.28 7.02
CA GLN B 182 -24.96 1.12 6.82
C GLN B 182 -25.71 1.26 8.14
N MET B 183 -25.17 0.68 9.20
CA MET B 183 -25.86 0.75 10.48
CA MET B 183 -25.79 0.73 10.53
C MET B 183 -25.83 2.17 11.04
N ALA B 184 -24.82 2.94 10.66
CA ALA B 184 -24.71 4.34 11.10
C ALA B 184 -25.56 5.28 10.25
N GLY B 185 -26.09 4.76 9.14
CA GLY B 185 -26.93 5.56 8.26
C GLY B 185 -26.12 6.44 7.32
N LEU B 186 -24.92 5.99 6.96
CA LEU B 186 -24.01 6.78 6.14
C LEU B 186 -23.91 6.19 4.74
N GLN B 187 -23.23 6.91 3.85
CA GLN B 187 -22.85 6.37 2.54
C GLN B 187 -22.13 5.03 2.75
N PRO B 188 -22.60 3.97 2.07
CA PRO B 188 -22.12 2.60 2.34
C PRO B 188 -20.76 2.28 1.73
N ALA B 189 -19.76 3.05 2.12
CA ALA B 189 -18.40 2.91 1.63
C ALA B 189 -17.45 3.43 2.71
N GLY B 190 -16.38 2.69 2.94
CA GLY B 190 -15.45 3.10 3.98
C GLY B 190 -14.04 2.85 3.54
N VAL B 191 -13.11 3.53 4.20
CA VAL B 191 -11.72 3.28 3.90
CA VAL B 191 -11.68 3.43 3.98
C VAL B 191 -11.08 2.54 5.05
N LEU B 192 -10.13 1.67 4.69
CA LEU B 192 -9.67 0.67 5.63
C LEU B 192 -8.17 0.39 5.50
N CYS B 193 -7.46 0.39 6.62
CA CYS B 193 -6.02 0.08 6.58
C CYS B 193 -5.52 -0.44 7.92
N GLU B 194 -4.57 -1.38 7.85
CA GLU B 194 -4.07 -2.12 9.01
C GLU B 194 -3.09 -1.31 9.85
N LEU B 195 -3.38 -1.13 11.14
CA LEU B 195 -2.45 -0.40 12.01
C LEU B 195 -1.10 -1.12 12.15
N THR B 196 -0.01 -0.41 11.92
CA THR B 196 1.33 -1.01 11.86
C THR B 196 2.28 -0.33 12.84
N ASN B 197 3.15 -1.12 13.49
CA ASN B 197 4.15 -0.57 14.41
C ASN B 197 5.34 -0.02 13.66
N PRO B 198 6.04 0.97 14.23
CA PRO B 198 7.24 1.52 13.59
C PRO B 198 8.24 0.45 13.14
N ASP B 199 8.43 -0.59 13.93
CA ASP B 199 9.42 -1.60 13.59
C ASP B 199 8.92 -2.58 12.50
N GLY B 200 7.72 -2.33 11.99
CA GLY B 200 7.20 -3.12 10.88
C GLY B 200 6.30 -4.28 11.27
N SER B 201 6.29 -4.64 12.55
CA SER B 201 5.33 -5.61 13.03
C SER B 201 3.93 -4.98 13.02
N MET B 202 2.90 -5.82 12.97
CA MET B 202 1.53 -5.32 12.99
C MET B 202 1.09 -5.02 14.42
N ALA B 203 0.33 -3.95 14.58
CA ALA B 203 -0.16 -3.55 15.88
C ALA B 203 -1.07 -4.63 16.44
N LYS B 204 -0.92 -4.87 17.74
CA LYS B 204 -1.76 -5.85 18.40
C LYS B 204 -2.59 -5.13 19.44
N THR B 205 -3.47 -5.85 20.13
CA THR B 205 -4.55 -5.20 20.88
C THR B 205 -4.14 -4.08 21.86
N PRO B 206 -3.10 -4.29 22.69
CA PRO B 206 -2.73 -3.18 23.59
C PRO B 206 -2.34 -1.91 22.83
N GLU B 207 -1.64 -2.05 21.72
CA GLU B 207 -1.19 -0.90 20.94
C GLU B 207 -2.37 -0.24 20.25
N ILE B 208 -3.25 -1.09 19.74
CA ILE B 208 -4.47 -0.62 19.09
C ILE B 208 -5.34 0.19 20.06
N ILE B 209 -5.47 -0.30 21.28
CA ILE B 209 -6.23 0.36 22.32
C ILE B 209 -5.63 1.73 22.67
N GLU B 210 -4.30 1.78 22.81
CA GLU B 210 -3.64 3.05 23.10
C GLU B 210 -3.79 4.03 21.93
N PHE B 211 -3.65 3.52 20.72
CA PHE B 211 -3.81 4.35 19.52
C PHE B 211 -5.21 4.96 19.50
N GLY B 212 -6.22 4.11 19.73
CA GLY B 212 -7.61 4.57 19.81
C GLY B 212 -7.85 5.65 20.85
N LYS B 213 -7.33 5.44 22.05
CA LYS B 213 -7.48 6.41 23.13
C LYS B 213 -6.83 7.75 22.75
N LEU B 214 -5.62 7.70 22.21
CA LEU B 214 -4.90 8.92 21.85
C LEU B 214 -5.58 9.67 20.70
N HIS B 215 -6.17 8.93 19.76
CA HIS B 215 -6.78 9.52 18.58
C HIS B 215 -8.31 9.67 18.67
N ASN B 216 -8.86 9.44 19.86
CA ASN B 216 -10.31 9.50 20.07
CA ASN B 216 -10.30 9.53 20.06
C ASN B 216 -11.06 8.64 19.07
N MET B 217 -10.59 7.43 18.86
CA MET B 217 -11.23 6.45 18.00
C MET B 217 -11.66 5.25 18.83
N PRO B 218 -12.96 4.96 18.87
CA PRO B 218 -13.37 3.78 19.64
C PRO B 218 -12.84 2.49 19.02
N VAL B 219 -12.74 1.47 19.84
CA VAL B 219 -12.24 0.18 19.43
C VAL B 219 -13.34 -0.86 19.60
N LEU B 220 -13.52 -1.73 18.61
CA LEU B 220 -14.48 -2.82 18.70
C LEU B 220 -14.00 -4.01 17.88
N THR B 221 -14.70 -5.13 18.04
CA THR B 221 -14.33 -6.35 17.32
C THR B 221 -15.44 -6.79 16.39
N ILE B 222 -15.09 -7.65 15.44
CA ILE B 222 -16.07 -8.24 14.56
C ILE B 222 -17.12 -9.03 15.37
N GLU B 223 -16.67 -9.78 16.37
CA GLU B 223 -17.64 -10.51 17.19
C GLU B 223 -18.59 -9.54 17.93
N ASP B 224 -18.10 -8.37 18.34
CA ASP B 224 -19.00 -7.36 18.92
C ASP B 224 -20.10 -7.03 17.92
N MET B 225 -19.71 -6.82 16.67
CA MET B 225 -20.65 -6.44 15.61
C MET B 225 -21.65 -7.57 15.34
N VAL B 226 -21.17 -8.80 15.35
CA VAL B 226 -22.05 -9.94 15.14
C VAL B 226 -23.09 -10.03 16.27
N GLN B 227 -22.64 -9.92 17.52
CA GLN B 227 -23.54 -9.97 18.66
C GLN B 227 -24.54 -8.83 18.62
N TYR B 228 -24.06 -7.65 18.25
CA TYR B 228 -24.92 -6.49 18.12
C TYR B 228 -26.02 -6.72 17.09
N ARG B 229 -25.64 -7.18 15.90
CA ARG B 229 -26.62 -7.43 14.85
C ARG B 229 -27.61 -8.52 15.27
N ILE B 230 -27.12 -9.54 15.93
CA ILE B 230 -28.01 -10.60 16.43
C ILE B 230 -29.02 -10.04 17.42
N GLN B 231 -28.53 -9.26 18.38
CA GLN B 231 -29.40 -8.69 19.40
C GLN B 231 -30.29 -7.56 18.89
N PHE B 232 -29.85 -6.85 17.87
CA PHE B 232 -30.59 -5.66 17.41
C PHE B 232 -31.42 -5.90 16.16
N ASP B 233 -31.14 -6.95 15.40
CA ASP B 233 -31.82 -7.16 14.12
C ASP B 233 -32.69 -8.42 14.09
N LEU B 234 -32.15 -9.52 14.61
CA LEU B 234 -32.86 -10.78 14.53
C LEU B 234 -34.06 -10.81 15.47
N LYS B 235 -35.18 -11.33 14.98
CA LYS B 235 -36.42 -11.39 15.76
C LYS B 235 -37.09 -12.75 15.59
#